data_7Q09
#
_entry.id   7Q09
#
_cell.length_a   77.400
_cell.length_b   95.338
_cell.length_c   104.662
_cell.angle_alpha   90.000
_cell.angle_beta   90.000
_cell.angle_gamma   90.000
#
_symmetry.space_group_name_H-M   'P 21 21 2'
#
loop_
_entity.id
_entity.type
_entity.pdbx_description
1 polymer Uricase
2 non-polymer 'SODIUM ION'
3 non-polymer 'ACETYL GROUP'
4 non-polymer 8-AZAXANTHINE
5 non-polymer ARGON
6 water water
#
_entity_poly.entity_id   1
_entity_poly.type   'polypeptide(L)'
_entity_poly.pdbx_seq_one_letter_code
;SAVKAARYGKDNVRVYKVHKDEKTGVQTVYEMTVCVLLEGEIETSYTKADNSVIVATDSIKNTIYITAKQNPVTPPELFG
SILGTHFIEKYNHIHAAHVNIVCHRWTRMDIDGKPHPHSFIRDSEEKRNVQVDVVEGKGIDIKSSLSGLTVLKSTNSQFW
GFLRDEYTTLKETWDRILSTDVDATWQWKNFSGLQEVRSHVPKFDATWATAREVTLKTFAEDNSASVQATMYKMAEQILA
RQQLIETVEYSLPNKHYFEIDLSWHKGLQNTGKNAEVFAPQSDPNGLIKCTVGRS
;
_entity_poly.pdbx_strand_id   A,B
#
loop_
_chem_comp.id
_chem_comp.type
_chem_comp.name
_chem_comp.formula
ACE non-polymer 'ACETYL GROUP' 'C2 H4 O'
AR non-polymer ARGON Ar
AZA non-polymer 8-AZAXANTHINE 'C4 H3 N5 O2'
NA non-polymer 'SODIUM ION' 'Na 1'
#
# COMPACT_ATOMS: atom_id res chain seq x y z
N SER A 1 19.20 -37.73 21.11
CA SER A 1 18.78 -36.35 20.68
C SER A 1 18.44 -35.52 21.92
N ALA A 2 18.53 -34.19 21.82
CA ALA A 2 18.08 -33.24 22.85
C ALA A 2 17.69 -31.92 22.18
N VAL A 3 16.82 -31.15 22.84
CA VAL A 3 16.43 -29.78 22.43
C VAL A 3 17.63 -28.86 22.67
N LYS A 4 18.13 -28.21 21.63
CA LYS A 4 19.21 -27.19 21.71
C LYS A 4 18.58 -25.79 21.78
N ALA A 5 17.46 -25.57 21.10
CA ALA A 5 16.70 -24.30 21.15
C ALA A 5 15.21 -24.58 20.97
N ALA A 6 14.37 -23.77 21.62
CA ALA A 6 12.91 -23.89 21.50
C ALA A 6 12.27 -22.54 21.80
N ARG A 7 11.27 -22.16 21.02
CA ARG A 7 10.41 -20.99 21.35
C ARG A 7 9.06 -21.23 20.70
N TYR A 8 8.01 -20.73 21.34
CA TYR A 8 6.61 -20.94 20.87
C TYR A 8 5.76 -19.77 21.36
N GLY A 9 4.64 -19.53 20.70
CA GLY A 9 3.75 -18.42 21.07
C GLY A 9 2.67 -18.18 20.05
N LYS A 10 2.11 -16.98 20.04
CA LYS A 10 1.04 -16.64 19.08
C LYS A 10 1.57 -15.59 18.11
N ASP A 11 1.42 -15.89 16.82
CA ASP A 11 1.80 -15.03 15.69
C ASP A 11 0.54 -14.36 15.16
N ASN A 12 0.68 -13.22 14.48
CA ASN A 12 -0.40 -12.64 13.63
C ASN A 12 -1.58 -12.24 14.50
N VAL A 13 -1.32 -11.70 15.69
CA VAL A 13 -2.37 -11.14 16.58
C VAL A 13 -2.65 -9.68 16.21
N ARG A 14 -3.80 -9.43 15.57
CA ARG A 14 -4.22 -8.09 15.09
C ARG A 14 -4.86 -7.35 16.27
N VAL A 15 -4.35 -6.16 16.58
CA VAL A 15 -4.88 -5.34 17.70
C VAL A 15 -5.21 -3.92 17.20
N TYR A 16 -6.32 -3.37 17.68
CA TYR A 16 -6.73 -1.95 17.52
C TYR A 16 -7.02 -1.39 18.92
N LYS A 17 -6.50 -0.20 19.18
CA LYS A 17 -6.91 0.58 20.36
C LYS A 17 -7.31 1.98 19.87
N VAL A 18 -8.35 2.56 20.48
CA VAL A 18 -8.77 3.98 20.28
C VAL A 18 -8.55 4.75 21.58
N HIS A 19 -7.92 5.93 21.50
CA HIS A 19 -7.99 6.97 22.54
C HIS A 19 -9.12 7.96 22.19
N LYS A 20 -10.07 8.17 23.10
CA LYS A 20 -11.15 9.17 22.95
C LYS A 20 -10.91 10.29 23.97
N ASP A 21 -10.66 11.51 23.50
CA ASP A 21 -10.49 12.70 24.37
C ASP A 21 -11.89 13.19 24.76
N GLU A 22 -12.19 13.18 26.06
CA GLU A 22 -13.48 13.67 26.61
C GLU A 22 -13.54 15.19 26.41
N LYS A 23 -12.41 15.88 26.62
N LYS A 23 -12.43 15.91 26.62
CA LYS A 23 -12.28 17.36 26.53
CA LYS A 23 -12.39 17.39 26.54
C LYS A 23 -12.69 17.82 25.13
C LYS A 23 -12.71 17.83 25.10
N THR A 24 -11.94 17.37 24.11
CA THR A 24 -11.95 17.96 22.75
C THR A 24 -12.86 17.17 21.81
N GLY A 25 -13.31 15.98 22.23
CA GLY A 25 -14.08 15.05 21.37
C GLY A 25 -13.22 14.40 20.29
N VAL A 26 -11.91 14.64 20.33
CA VAL A 26 -10.95 14.15 19.32
C VAL A 26 -10.58 12.69 19.65
N GLN A 27 -10.70 11.82 18.64
CA GLN A 27 -10.38 10.37 18.74
C GLN A 27 -9.06 10.11 17.98
N THR A 28 -8.27 9.16 18.47
CA THR A 28 -6.97 8.72 17.87
C THR A 28 -6.92 7.19 17.84
N VAL A 29 -6.50 6.60 16.72
CA VAL A 29 -6.52 5.11 16.53
C VAL A 29 -5.10 4.59 16.37
N TYR A 30 -4.88 3.39 16.93
CA TYR A 30 -3.63 2.60 16.76
C TYR A 30 -4.01 1.19 16.32
N GLU A 31 -3.35 0.69 15.27
CA GLU A 31 -3.53 -0.70 14.78
C GLU A 31 -2.14 -1.31 14.56
N MET A 32 -2.01 -2.58 14.95
CA MET A 32 -0.73 -3.33 14.83
CA MET A 32 -0.73 -3.33 14.91
C MET A 32 -1.01 -4.82 14.71
N THR A 33 0.01 -5.59 14.36
CA THR A 33 -0.02 -7.06 14.32
C THR A 33 1.15 -7.54 15.17
N VAL A 34 0.89 -8.38 16.15
CA VAL A 34 1.86 -8.76 17.22
C VAL A 34 2.16 -10.24 17.10
N CYS A 35 3.40 -10.59 17.39
CA CYS A 35 3.89 -11.96 17.60
C CYS A 35 4.64 -11.98 18.93
N VAL A 36 4.30 -12.92 19.79
CA VAL A 36 5.03 -13.15 21.07
C VAL A 36 5.48 -14.61 21.06
N LEU A 37 6.78 -14.83 21.19
CA LEU A 37 7.38 -16.18 21.36
C LEU A 37 8.15 -16.20 22.67
N LEU A 38 7.94 -17.25 23.46
CA LEU A 38 8.58 -17.42 24.79
C LEU A 38 9.62 -18.51 24.71
N GLU A 39 10.71 -18.37 25.46
CA GLU A 39 11.65 -19.48 25.81
C GLU A 39 11.71 -19.63 27.33
N GLY A 40 12.22 -20.78 27.80
CA GLY A 40 12.47 -21.07 29.22
C GLY A 40 12.66 -22.54 29.47
N GLU A 41 12.30 -23.03 30.66
CA GLU A 41 12.33 -24.47 31.00
C GLU A 41 11.11 -25.14 30.37
N ILE A 42 11.11 -25.36 29.06
CA ILE A 42 9.92 -25.91 28.36
C ILE A 42 10.28 -27.16 27.55
N GLU A 43 11.47 -27.71 27.74
CA GLU A 43 11.97 -28.84 26.89
C GLU A 43 11.08 -30.08 27.00
N THR A 44 10.52 -30.36 28.16
CA THR A 44 9.71 -31.59 28.40
C THR A 44 8.41 -31.55 27.60
N SER A 45 7.96 -30.35 27.25
CA SER A 45 6.76 -30.22 26.37
C SER A 45 7.07 -30.87 25.01
N TYR A 46 8.33 -30.83 24.59
CA TYR A 46 8.80 -31.48 23.34
C TYR A 46 9.17 -32.96 23.61
N THR A 47 9.86 -33.26 24.70
CA THR A 47 10.57 -34.57 24.86
C THR A 47 9.70 -35.58 25.62
N LYS A 48 8.75 -35.12 26.44
CA LYS A 48 8.04 -35.96 27.45
C LYS A 48 6.53 -35.69 27.42
N ALA A 49 6.04 -35.04 26.36
CA ALA A 49 4.62 -34.67 26.16
C ALA A 49 4.09 -33.92 27.37
N ASP A 50 4.94 -33.19 28.07
CA ASP A 50 4.58 -32.51 29.35
C ASP A 50 4.03 -31.09 29.08
N ASN A 51 2.72 -30.94 28.90
CA ASN A 51 2.10 -29.62 28.57
C ASN A 51 2.04 -28.70 29.80
N SER A 52 2.41 -29.20 30.98
CA SER A 52 2.27 -28.48 32.27
C SER A 52 3.24 -27.30 32.33
N VAL A 53 4.26 -27.30 31.46
CA VAL A 53 5.23 -26.19 31.30
C VAL A 53 4.75 -25.20 30.22
N ILE A 54 3.59 -25.44 29.58
CA ILE A 54 3.12 -24.55 28.47
C ILE A 54 2.10 -23.53 29.00
N VAL A 55 2.48 -22.26 28.99
CA VAL A 55 1.51 -21.14 28.85
C VAL A 55 0.92 -21.23 27.45
N ALA A 56 -0.29 -21.75 27.29
CA ALA A 56 -0.98 -21.93 25.99
C ALA A 56 -0.85 -20.67 25.11
N THR A 57 -0.71 -20.86 23.81
CA THR A 57 -0.58 -19.76 22.81
C THR A 57 -1.86 -18.92 22.90
N ASP A 58 -2.98 -19.56 23.22
CA ASP A 58 -4.32 -18.93 23.39
C ASP A 58 -4.27 -17.91 24.54
N SER A 59 -3.63 -18.27 25.65
CA SER A 59 -3.48 -17.41 26.85
C SER A 59 -2.53 -16.26 26.53
N ILE A 60 -1.53 -16.54 25.71
CA ILE A 60 -0.59 -15.48 25.24
C ILE A 60 -1.39 -14.45 24.44
N LYS A 61 -2.35 -14.91 23.65
CA LYS A 61 -3.19 -14.04 22.78
C LYS A 61 -4.02 -13.13 23.68
N ASN A 62 -4.66 -13.76 24.67
CA ASN A 62 -5.48 -13.09 25.71
C ASN A 62 -4.62 -12.00 26.36
N THR A 63 -3.39 -12.32 26.71
CA THR A 63 -2.47 -11.42 27.47
C THR A 63 -2.09 -10.21 26.60
N ILE A 64 -1.93 -10.40 25.30
CA ILE A 64 -1.62 -9.28 24.36
C ILE A 64 -2.77 -8.26 24.45
N TYR A 65 -4.01 -8.74 24.38
CA TYR A 65 -5.23 -7.89 24.39
C TYR A 65 -5.38 -7.18 25.75
N ILE A 66 -5.14 -7.90 26.85
CA ILE A 66 -5.24 -7.38 28.24
C ILE A 66 -4.14 -6.33 28.47
N THR A 67 -2.91 -6.56 28.02
CA THR A 67 -1.80 -5.58 28.14
C THR A 67 -2.17 -4.28 27.38
N ALA A 68 -2.71 -4.41 26.19
CA ALA A 68 -3.17 -3.26 25.37
C ALA A 68 -4.25 -2.48 26.11
N LYS A 69 -5.15 -3.18 26.82
CA LYS A 69 -6.25 -2.59 27.62
C LYS A 69 -5.67 -1.72 28.75
N GLN A 70 -4.62 -2.20 29.40
CA GLN A 70 -4.12 -1.69 30.71
C GLN A 70 -2.87 -0.83 30.54
N ASN A 71 -2.35 -0.71 29.31
CA ASN A 71 -1.07 0.00 29.06
C ASN A 71 -1.15 0.79 27.76
N PRO A 72 -0.23 1.72 27.54
CA PRO A 72 -0.05 2.34 26.24
C PRO A 72 0.38 1.34 25.16
N VAL A 73 -0.10 1.52 23.92
CA VAL A 73 0.29 0.67 22.75
C VAL A 73 1.34 1.43 21.92
N THR A 74 1.73 2.62 22.38
CA THR A 74 2.66 3.54 21.68
C THR A 74 3.55 4.15 22.74
N PRO A 75 4.84 4.40 22.45
CA PRO A 75 5.48 3.88 21.24
C PRO A 75 5.62 2.36 21.32
N PRO A 76 5.70 1.69 20.15
CA PRO A 76 5.68 0.24 20.09
C PRO A 76 6.89 -0.39 20.81
N GLU A 77 8.03 0.29 20.81
CA GLU A 77 9.19 -0.05 21.68
C GLU A 77 8.74 -0.25 23.14
N LEU A 78 7.85 0.60 23.64
CA LEU A 78 7.41 0.54 25.05
C LEU A 78 6.45 -0.64 25.24
N PHE A 79 5.41 -0.69 24.42
CA PHE A 79 4.39 -1.76 24.49
C PHE A 79 5.07 -3.14 24.46
N GLY A 80 5.96 -3.34 23.50
CA GLY A 80 6.75 -4.59 23.38
C GLY A 80 7.51 -4.92 24.65
N SER A 81 8.15 -3.94 25.24
CA SER A 81 8.94 -4.07 26.50
C SER A 81 8.01 -4.41 27.67
N ILE A 82 6.88 -3.73 27.82
CA ILE A 82 5.90 -4.06 28.89
C ILE A 82 5.47 -5.52 28.70
N LEU A 83 5.13 -5.90 27.46
CA LEU A 83 4.47 -7.20 27.17
C LEU A 83 5.48 -8.34 27.42
N GLY A 84 6.73 -8.14 27.04
CA GLY A 84 7.77 -9.17 27.21
C GLY A 84 8.16 -9.31 28.67
N THR A 85 8.26 -8.18 29.38
CA THR A 85 8.53 -8.18 30.84
C THR A 85 7.44 -8.94 31.58
N HIS A 86 6.17 -8.69 31.27
CA HIS A 86 5.04 -9.39 31.95
C HIS A 86 5.33 -10.89 32.01
N PHE A 87 5.77 -11.46 30.89
CA PHE A 87 5.89 -12.94 30.71
C PHE A 87 7.06 -13.48 31.53
N ILE A 88 8.22 -12.81 31.56
CA ILE A 88 9.38 -13.36 32.31
C ILE A 88 9.16 -13.14 33.81
N GLU A 89 8.33 -12.17 34.18
CA GLU A 89 8.02 -11.90 35.61
C GLU A 89 6.88 -12.81 36.09
N LYS A 90 5.79 -12.87 35.37
CA LYS A 90 4.61 -13.67 35.77
C LYS A 90 5.01 -15.13 35.97
N TYR A 91 5.82 -15.69 35.07
CA TYR A 91 6.06 -17.15 34.98
C TYR A 91 7.53 -17.41 35.33
N ASN A 92 7.74 -18.16 36.40
CA ASN A 92 9.08 -18.42 36.98
C ASN A 92 9.97 -19.13 35.95
N HIS A 93 9.41 -20.09 35.21
CA HIS A 93 10.16 -20.98 34.28
C HIS A 93 10.31 -20.34 32.89
N ILE A 94 9.73 -19.17 32.63
CA ILE A 94 9.91 -18.39 31.36
C ILE A 94 11.04 -17.37 31.59
N HIS A 95 12.04 -17.38 30.71
CA HIS A 95 13.33 -16.64 30.87
C HIS A 95 13.53 -15.64 29.72
N ALA A 96 12.77 -15.78 28.65
CA ALA A 96 12.81 -14.81 27.52
C ALA A 96 11.43 -14.71 26.87
N ALA A 97 11.15 -13.51 26.39
CA ALA A 97 9.95 -13.17 25.60
C ALA A 97 10.43 -12.32 24.41
N HIS A 98 10.25 -12.89 23.21
CA HIS A 98 10.53 -12.26 21.91
C HIS A 98 9.22 -11.66 21.37
N VAL A 99 9.21 -10.36 21.17
CA VAL A 99 7.96 -9.65 20.79
C VAL A 99 8.24 -8.90 19.49
N ASN A 100 7.51 -9.25 18.43
CA ASN A 100 7.57 -8.54 17.12
C ASN A 100 6.25 -7.82 16.90
N ILE A 101 6.36 -6.58 16.39
CA ILE A 101 5.18 -5.70 16.17
C ILE A 101 5.34 -5.02 14.82
N VAL A 102 4.30 -5.14 14.01
CA VAL A 102 4.10 -4.30 12.81
C VAL A 102 3.02 -3.28 13.15
N CYS A 103 3.33 -2.00 13.01
CA CYS A 103 2.38 -0.87 13.15
C CYS A 103 1.89 -0.48 11.76
N HIS A 104 0.57 -0.51 11.59
CA HIS A 104 -0.16 -0.09 10.36
C HIS A 104 -0.46 1.42 10.42
N ARG A 105 -0.47 2.10 9.28
CA ARG A 105 -0.68 3.56 9.22
C ARG A 105 -2.18 3.86 9.28
N TRP A 106 -2.58 4.70 10.25
CA TRP A 106 -3.90 5.38 10.21
C TRP A 106 -3.66 6.87 10.38
N THR A 107 -3.65 7.60 9.27
CA THR A 107 -3.40 9.07 9.24
C THR A 107 -4.76 9.79 9.28
N ARG A 108 -4.91 10.71 10.24
CA ARG A 108 -6.06 11.63 10.33
C ARG A 108 -6.35 12.24 8.96
N MET A 109 -7.58 12.09 8.46
CA MET A 109 -8.03 12.83 7.26
C MET A 109 -8.03 14.34 7.54
N ASP A 110 -7.55 15.13 6.58
CA ASP A 110 -7.88 16.59 6.44
C ASP A 110 -9.11 16.73 5.55
N ILE A 111 -10.21 17.27 6.10
CA ILE A 111 -11.46 17.55 5.32
C ILE A 111 -11.67 19.07 5.27
N ASP A 112 -11.64 19.64 4.06
CA ASP A 112 -11.85 21.08 3.76
C ASP A 112 -10.85 21.91 4.57
N GLY A 113 -9.61 21.42 4.69
CA GLY A 113 -8.51 22.13 5.36
C GLY A 113 -8.41 21.81 6.85
N LYS A 114 -9.44 21.18 7.42
CA LYS A 114 -9.59 21.00 8.90
CA LYS A 114 -9.56 21.00 8.90
C LYS A 114 -9.33 19.53 9.25
N PRO A 115 -8.44 19.23 10.22
CA PRO A 115 -8.25 17.86 10.69
C PRO A 115 -9.52 17.24 11.30
N HIS A 116 -9.88 16.05 10.84
CA HIS A 116 -11.14 15.41 11.32
C HIS A 116 -10.88 14.70 12.65
N PRO A 117 -11.83 14.80 13.60
CA PRO A 117 -11.69 14.17 14.92
C PRO A 117 -11.73 12.64 15.01
N HIS A 118 -12.24 11.95 13.99
CA HIS A 118 -12.42 10.47 14.09
C HIS A 118 -12.45 9.79 12.73
N SER A 119 -11.82 10.40 11.71
CA SER A 119 -11.70 9.76 10.37
C SER A 119 -10.23 9.58 10.00
N PHE A 120 -9.88 8.46 9.36
CA PHE A 120 -8.47 8.11 9.08
C PHE A 120 -8.36 7.41 7.73
N ILE A 121 -7.22 7.65 7.08
CA ILE A 121 -6.84 7.04 5.79
C ILE A 121 -5.57 6.21 6.00
N ARG A 122 -5.46 5.07 5.31
CA ARG A 122 -4.17 4.36 5.25
C ARG A 122 -3.38 4.94 4.08
N ASP A 123 -2.47 5.87 4.36
CA ASP A 123 -1.80 6.75 3.37
C ASP A 123 -0.56 6.07 2.79
C ASP A 123 -0.56 6.07 2.79
N SER A 124 -0.29 4.83 3.22
CA SER A 124 0.78 3.96 2.68
C SER A 124 0.65 2.56 3.34
N GLU A 125 1.18 1.53 2.68
N GLU A 125 1.17 1.51 2.70
CA GLU A 125 1.45 0.21 3.31
CA GLU A 125 1.43 0.20 3.36
C GLU A 125 2.78 0.26 4.07
C GLU A 125 2.78 0.26 4.08
N GLU A 126 3.47 1.42 4.07
CA GLU A 126 4.70 1.63 4.88
C GLU A 126 4.41 1.22 6.32
N LYS A 127 5.24 0.36 6.91
CA LYS A 127 5.11 -0.06 8.33
C LYS A 127 6.18 0.62 9.21
N ARG A 128 5.88 0.80 10.50
CA ARG A 128 6.89 0.96 11.59
C ARG A 128 6.89 -0.31 12.47
N ASN A 129 8.07 -0.88 12.71
CA ASN A 129 8.21 -2.22 13.36
C ASN A 129 9.13 -2.11 14.57
N VAL A 130 9.05 -3.08 15.46
CA VAL A 130 10.06 -3.27 16.54
C VAL A 130 10.23 -4.78 16.72
N GLN A 131 11.44 -5.17 17.09
CA GLN A 131 11.75 -6.48 17.69
C GLN A 131 12.30 -6.19 19.08
N VAL A 132 11.62 -6.70 20.10
CA VAL A 132 11.96 -6.50 21.52
C VAL A 132 12.25 -7.89 22.07
N ASP A 133 13.51 -8.12 22.43
CA ASP A 133 13.94 -9.39 23.09
C ASP A 133 14.16 -9.09 24.56
N VAL A 134 13.28 -9.60 25.40
CA VAL A 134 13.34 -9.43 26.87
C VAL A 134 13.90 -10.72 27.47
N VAL A 135 15.13 -10.67 27.97
CA VAL A 135 15.89 -11.88 28.42
C VAL A 135 16.23 -11.68 29.89
N GLU A 136 15.67 -12.54 30.75
CA GLU A 136 15.83 -12.47 32.22
C GLU A 136 17.33 -12.43 32.52
N GLY A 137 17.73 -11.45 33.34
CA GLY A 137 19.13 -11.16 33.71
C GLY A 137 20.06 -10.91 32.53
N LYS A 138 19.56 -10.41 31.39
CA LYS A 138 20.41 -9.93 30.27
C LYS A 138 19.87 -8.59 29.73
N GLY A 139 18.59 -8.31 29.97
CA GLY A 139 17.99 -6.98 29.78
C GLY A 139 17.05 -6.98 28.57
N ILE A 140 16.92 -5.83 27.91
CA ILE A 140 16.01 -5.68 26.75
C ILE A 140 16.80 -5.15 25.56
N ASP A 141 16.74 -5.92 24.47
CA ASP A 141 17.39 -5.60 23.17
CA ASP A 141 17.38 -5.63 23.17
C ASP A 141 16.29 -5.18 22.19
N ILE A 142 16.32 -3.92 21.76
CA ILE A 142 15.28 -3.36 20.85
C ILE A 142 15.91 -3.07 19.49
N LYS A 143 15.26 -3.57 18.44
CA LYS A 143 15.49 -3.14 17.04
C LYS A 143 14.21 -2.44 16.56
N SER A 144 14.34 -1.22 16.08
CA SER A 144 13.24 -0.39 15.52
C SER A 144 13.46 -0.31 14.01
N SER A 145 12.40 -0.28 13.21
CA SER A 145 12.51 -0.25 11.73
C SER A 145 11.32 0.45 11.09
N LEU A 146 11.55 1.01 9.91
CA LEU A 146 10.50 1.29 8.91
C LEU A 146 10.76 0.36 7.72
N SER A 147 9.70 -0.09 7.07
CA SER A 147 9.72 -1.04 5.93
C SER A 147 8.61 -0.65 4.97
N GLY A 148 8.70 -1.02 3.69
CA GLY A 148 7.64 -0.77 2.71
C GLY A 148 7.51 0.71 2.36
N LEU A 149 8.56 1.50 2.58
CA LEU A 149 8.66 2.89 2.06
C LEU A 149 9.18 2.83 0.62
N THR A 150 8.27 2.99 -0.34
CA THR A 150 8.54 2.82 -1.80
C THR A 150 8.79 4.19 -2.44
N VAL A 151 9.94 4.36 -3.07
CA VAL A 151 10.39 5.68 -3.60
C VAL A 151 10.99 5.46 -4.98
N LEU A 152 11.00 6.51 -5.80
CA LEU A 152 11.61 6.48 -7.14
C LEU A 152 12.11 7.89 -7.46
N LYS A 153 13.28 7.97 -8.08
CA LYS A 153 13.81 9.24 -8.64
C LYS A 153 14.17 9.01 -10.11
N SER A 154 13.77 9.97 -10.94
CA SER A 154 13.71 9.87 -12.42
C SER A 154 15.08 10.17 -13.01
N THR A 155 15.96 10.79 -12.21
CA THR A 155 17.36 11.12 -12.61
C THR A 155 18.21 11.29 -11.33
N ASN A 156 19.48 11.71 -11.46
CA ASN A 156 20.40 11.97 -10.32
C ASN A 156 20.71 10.65 -9.61
N SER A 157 20.85 9.60 -10.41
CA SER A 157 21.40 8.28 -10.01
C SER A 157 22.36 7.86 -11.09
N GLN A 158 23.50 7.28 -10.69
CA GLN A 158 24.59 6.89 -11.61
C GLN A 158 25.00 5.48 -11.24
N PHE A 159 25.54 4.73 -12.19
CA PHE A 159 26.27 3.46 -11.92
C PHE A 159 27.26 3.24 -13.06
N TRP A 160 28.50 3.63 -12.82
CA TRP A 160 29.66 3.35 -13.71
C TRP A 160 30.89 3.03 -12.86
N GLY A 161 31.98 2.61 -13.48
CA GLY A 161 33.26 2.35 -12.80
C GLY A 161 33.18 1.09 -11.95
N PHE A 162 32.29 0.16 -12.30
CA PHE A 162 32.20 -1.18 -11.67
C PHE A 162 33.10 -2.16 -12.42
N LEU A 163 33.51 -3.26 -11.76
CA LEU A 163 34.39 -4.29 -12.34
C LEU A 163 33.74 -4.85 -13.62
N ARG A 164 34.53 -4.98 -14.68
CA ARG A 164 34.15 -5.60 -15.98
C ARG A 164 35.08 -6.78 -16.23
N ASP A 165 34.52 -7.95 -16.51
CA ASP A 165 35.29 -9.15 -16.95
C ASP A 165 34.44 -9.94 -17.97
N GLU A 166 34.76 -11.22 -18.18
CA GLU A 166 34.07 -12.06 -19.19
C GLU A 166 32.62 -12.36 -18.76
N TYR A 167 32.15 -11.86 -17.62
CA TYR A 167 30.79 -12.11 -17.09
C TYR A 167 29.93 -10.83 -17.20
N THR A 168 30.52 -9.72 -17.66
CA THR A 168 29.92 -8.37 -17.55
C THR A 168 29.29 -7.95 -18.89
N THR A 169 28.02 -7.54 -18.89
CA THR A 169 27.26 -7.00 -20.05
C THR A 169 26.73 -5.61 -19.73
N LEU A 170 26.58 -5.28 -18.44
CA LEU A 170 25.88 -4.05 -18.02
C LEU A 170 26.64 -2.86 -18.61
N LYS A 171 25.93 -2.00 -19.33
CA LYS A 171 26.46 -0.70 -19.83
C LYS A 171 26.61 0.24 -18.63
N GLU A 172 27.76 0.92 -18.56
CA GLU A 172 27.96 2.06 -17.65
C GLU A 172 26.89 3.12 -17.95
N THR A 173 26.42 3.84 -16.93
CA THR A 173 25.44 4.94 -17.12
C THR A 173 25.74 6.04 -16.11
N TRP A 174 25.39 7.26 -16.50
CA TRP A 174 25.63 8.50 -15.73
C TRP A 174 24.26 9.13 -15.44
N ASP A 175 23.18 8.56 -16.00
CA ASP A 175 21.79 9.01 -15.76
C ASP A 175 20.84 7.81 -15.82
N ARG A 176 20.24 7.46 -14.68
CA ARG A 176 19.33 6.30 -14.59
C ARG A 176 18.27 6.57 -13.51
N ILE A 177 17.17 5.83 -13.60
CA ILE A 177 16.12 5.71 -12.55
C ILE A 177 16.69 4.88 -11.40
N LEU A 178 16.29 5.21 -10.17
CA LEU A 178 16.58 4.42 -8.95
C LEU A 178 15.28 4.32 -8.16
N SER A 179 14.74 3.12 -7.99
CA SER A 179 13.53 2.88 -7.17
C SER A 179 13.85 1.80 -6.13
N THR A 180 13.31 1.95 -4.92
CA THR A 180 13.54 0.95 -3.84
C THR A 180 12.33 0.91 -2.92
N ASP A 181 12.25 -0.21 -2.18
CA ASP A 181 11.41 -0.39 -0.99
C ASP A 181 12.38 -0.36 0.18
N VAL A 182 12.37 0.71 0.97
CA VAL A 182 13.34 0.88 2.10
C VAL A 182 12.92 0.01 3.27
N ASP A 183 13.83 -0.87 3.68
CA ASP A 183 13.87 -1.52 5.01
C ASP A 183 15.08 -0.98 5.79
N ALA A 184 14.85 -0.21 6.87
CA ALA A 184 15.92 0.43 7.67
C ALA A 184 15.72 0.08 9.15
N THR A 185 16.75 -0.48 9.77
CA THR A 185 16.74 -0.87 11.21
C THR A 185 17.78 -0.06 11.98
N TRP A 186 17.40 0.46 13.13
CA TRP A 186 18.35 0.99 14.14
C TRP A 186 18.25 0.12 15.40
N GLN A 187 19.39 -0.48 15.75
CA GLN A 187 19.59 -1.33 16.93
C GLN A 187 19.96 -0.43 18.13
N TRP A 188 19.15 -0.42 19.17
CA TRP A 188 19.40 0.40 20.37
C TRP A 188 20.49 -0.27 21.22
N LYS A 189 21.24 0.54 21.98
CA LYS A 189 22.06 0.09 23.12
C LYS A 189 21.20 -0.84 23.97
N ASN A 190 21.75 -1.95 24.44
CA ASN A 190 21.10 -2.85 25.42
C ASN A 190 20.51 -2.00 26.55
N PHE A 191 19.27 -2.32 26.95
CA PHE A 191 18.57 -1.70 28.09
C PHE A 191 18.57 -2.70 29.24
N SER A 192 18.77 -2.19 30.46
CA SER A 192 18.88 -3.02 31.70
C SER A 192 17.54 -3.68 32.01
N GLY A 193 16.43 -3.08 31.56
CA GLY A 193 15.07 -3.62 31.74
C GLY A 193 14.00 -2.60 31.40
N LEU A 194 12.76 -2.86 31.83
CA LEU A 194 11.58 -2.00 31.52
C LEU A 194 11.82 -0.57 32.02
N GLN A 195 12.28 -0.39 33.26
CA GLN A 195 12.54 0.97 33.80
C GLN A 195 13.36 1.79 32.80
N GLU A 196 14.47 1.25 32.29
CA GLU A 196 15.37 2.03 31.40
C GLU A 196 14.64 2.36 30.10
N VAL A 197 13.85 1.41 29.56
CA VAL A 197 13.02 1.66 28.34
C VAL A 197 12.13 2.87 28.58
N ARG A 198 11.40 2.88 29.71
CA ARG A 198 10.45 3.96 30.07
C ARG A 198 11.22 5.28 30.13
N SER A 199 12.48 5.24 30.61
CA SER A 199 13.36 6.44 30.76
C SER A 199 13.67 7.09 29.41
N HIS A 200 13.61 6.35 28.29
CA HIS A 200 13.99 6.84 26.94
C HIS A 200 12.80 6.94 25.99
N VAL A 201 11.56 6.82 26.50
CA VAL A 201 10.31 6.77 25.69
C VAL A 201 10.28 7.89 24.65
N PRO A 202 10.62 9.16 24.96
CA PRO A 202 10.48 10.25 24.00
C PRO A 202 11.41 10.13 22.77
N LYS A 203 12.52 9.41 22.93
CA LYS A 203 13.53 9.17 21.87
C LYS A 203 12.97 8.28 20.75
N PHE A 204 12.00 7.41 21.02
CA PHE A 204 11.55 6.35 20.10
C PHE A 204 10.84 6.98 18.90
N ASP A 205 9.79 7.75 19.12
CA ASP A 205 9.03 8.42 18.03
C ASP A 205 9.94 9.40 17.29
N ALA A 206 10.72 10.17 18.05
CA ALA A 206 11.63 11.23 17.55
C ALA A 206 12.71 10.59 16.68
N THR A 207 13.22 9.42 17.09
CA THR A 207 14.30 8.72 16.37
C THR A 207 13.71 8.16 15.07
N TRP A 208 12.53 7.54 15.13
CA TRP A 208 11.82 6.98 13.95
C TRP A 208 11.59 8.11 12.92
N ALA A 209 11.10 9.27 13.35
CA ALA A 209 10.75 10.39 12.46
C ALA A 209 12.02 10.90 11.76
N THR A 210 13.13 10.93 12.50
CA THR A 210 14.47 11.38 12.02
C THR A 210 15.04 10.37 11.02
N ALA A 211 14.99 9.08 11.35
CA ALA A 211 15.35 7.99 10.40
C ALA A 211 14.60 8.23 9.09
N ARG A 212 13.30 8.53 9.16
CA ARG A 212 12.44 8.66 7.96
C ARG A 212 12.81 9.93 7.17
N GLU A 213 12.96 11.07 7.84
CA GLU A 213 13.39 12.37 7.24
C GLU A 213 14.74 12.19 6.51
N VAL A 214 15.72 11.57 7.16
CA VAL A 214 17.11 11.40 6.64
C VAL A 214 17.07 10.47 5.42
N THR A 215 16.23 9.45 5.46
CA THR A 215 16.11 8.49 4.33
C THR A 215 15.57 9.25 3.11
N LEU A 216 14.45 9.94 3.28
CA LEU A 216 13.71 10.66 2.20
C LEU A 216 14.60 11.78 1.63
N LYS A 217 15.18 12.60 2.49
CA LYS A 217 15.98 13.79 2.10
C LYS A 217 17.26 13.32 1.40
N THR A 218 17.98 12.35 1.94
CA THR A 218 19.25 11.83 1.35
C THR A 218 18.96 11.27 -0.04
N PHE A 219 17.89 10.47 -0.16
CA PHE A 219 17.54 9.78 -1.42
C PHE A 219 17.28 10.86 -2.48
N ALA A 220 16.53 11.89 -2.11
CA ALA A 220 16.01 12.97 -3.00
C ALA A 220 17.16 13.88 -3.47
N GLU A 221 18.16 14.11 -2.62
CA GLU A 221 19.23 15.13 -2.82
C GLU A 221 20.54 14.47 -3.30
N ASP A 222 20.87 13.25 -2.86
CA ASP A 222 22.17 12.63 -3.24
C ASP A 222 22.19 12.37 -4.74
N ASN A 223 23.25 12.80 -5.41
CA ASN A 223 23.54 12.33 -6.80
C ASN A 223 24.23 10.97 -6.67
N SER A 224 23.42 9.92 -6.54
CA SER A 224 23.86 8.56 -6.10
C SER A 224 24.92 8.03 -7.07
N ALA A 225 26.10 7.70 -6.54
CA ALA A 225 27.15 6.88 -7.19
C ALA A 225 26.72 5.42 -7.32
N SER A 226 25.82 4.99 -6.44
CA SER A 226 25.40 3.59 -6.23
C SER A 226 24.38 3.55 -5.08
N VAL A 227 23.61 2.48 -5.00
CA VAL A 227 22.77 2.21 -3.81
C VAL A 227 23.67 2.17 -2.56
N GLN A 228 24.79 1.43 -2.64
CA GLN A 228 25.81 1.30 -1.56
C GLN A 228 26.17 2.68 -0.98
N ALA A 229 26.64 3.61 -1.83
CA ALA A 229 27.16 4.93 -1.40
C ALA A 229 26.03 5.72 -0.73
N THR A 230 24.82 5.66 -1.29
CA THR A 230 23.69 6.50 -0.82
C THR A 230 23.18 5.96 0.51
N MET A 231 22.98 4.65 0.63
CA MET A 231 22.45 4.08 1.90
C MET A 231 23.45 4.35 3.04
N TYR A 232 24.74 4.40 2.76
CA TYR A 232 25.79 4.63 3.80
C TYR A 232 25.63 6.05 4.38
N LYS A 233 25.40 7.02 3.50
CA LYS A 233 25.19 8.43 3.90
C LYS A 233 24.00 8.49 4.86
N MET A 234 22.95 7.71 4.58
CA MET A 234 21.71 7.66 5.40
C MET A 234 22.08 7.19 6.81
N ALA A 235 22.78 6.06 6.91
CA ALA A 235 23.14 5.45 8.21
C ALA A 235 24.02 6.39 9.05
N GLU A 236 24.93 7.09 8.40
CA GLU A 236 25.91 7.94 9.13
C GLU A 236 25.17 9.07 9.85
N GLN A 237 24.28 9.75 9.15
CA GLN A 237 23.54 10.89 9.73
C GLN A 237 22.61 10.41 10.85
N ILE A 238 22.08 9.20 10.71
CA ILE A 238 21.16 8.65 11.75
C ILE A 238 21.96 8.41 13.04
N LEU A 239 23.10 7.74 12.90
CA LEU A 239 24.05 7.47 14.02
C LEU A 239 24.44 8.78 14.71
N ALA A 240 24.67 9.83 13.92
CA ALA A 240 25.16 11.14 14.39
C ALA A 240 24.05 11.81 15.18
N ARG A 241 22.78 11.51 14.89
CA ARG A 241 21.63 12.27 15.45
C ARG A 241 21.00 11.51 16.63
N GLN A 242 21.55 10.36 17.01
CA GLN A 242 21.05 9.58 18.19
C GLN A 242 22.18 8.72 18.77
N GLN A 243 22.71 9.10 19.95
CA GLN A 243 23.87 8.39 20.56
CA GLN A 243 23.85 8.43 20.63
C GLN A 243 23.44 7.02 21.10
N LEU A 244 22.16 6.84 21.42
CA LEU A 244 21.66 5.56 21.99
C LEU A 244 21.54 4.48 20.90
N ILE A 245 21.63 4.82 19.61
CA ILE A 245 21.72 3.81 18.50
C ILE A 245 23.15 3.29 18.48
N GLU A 246 23.34 1.97 18.42
CA GLU A 246 24.65 1.30 18.25
C GLU A 246 24.92 1.02 16.78
N THR A 247 23.94 0.51 16.04
CA THR A 247 24.09 0.20 14.59
C THR A 247 22.85 0.62 13.79
N VAL A 248 23.06 0.94 12.52
CA VAL A 248 22.01 1.17 11.49
C VAL A 248 22.22 0.19 10.35
N GLU A 249 21.16 -0.51 9.96
CA GLU A 249 21.16 -1.53 8.88
C GLU A 249 20.15 -1.08 7.82
N TYR A 250 20.58 -0.97 6.58
CA TYR A 250 19.67 -0.82 5.41
C TYR A 250 19.71 -2.12 4.60
N SER A 251 18.52 -2.53 4.14
CA SER A 251 18.36 -3.64 3.18
C SER A 251 17.55 -3.00 2.04
N LEU A 252 18.17 -2.79 0.88
CA LEU A 252 17.49 -2.05 -0.20
C LEU A 252 17.50 -2.81 -1.52
N PRO A 253 16.32 -3.12 -2.07
CA PRO A 253 16.26 -3.70 -3.39
C PRO A 253 16.45 -2.64 -4.48
N ASN A 254 17.11 -2.99 -5.57
CA ASN A 254 17.26 -2.09 -6.74
C ASN A 254 16.27 -2.57 -7.81
N LYS A 255 15.15 -1.85 -7.90
CA LYS A 255 13.97 -2.31 -8.67
C LYS A 255 14.13 -1.72 -10.07
N HIS A 256 14.77 -2.48 -10.96
CA HIS A 256 15.31 -1.98 -12.25
C HIS A 256 14.16 -1.44 -13.10
N TYR A 257 14.38 -0.29 -13.73
CA TYR A 257 13.57 0.22 -14.86
C TYR A 257 14.46 0.17 -16.10
N PHE A 258 14.19 -0.79 -17.00
CA PHE A 258 14.98 -1.06 -18.24
C PHE A 258 14.58 -0.05 -19.34
N GLU A 259 15.57 0.55 -19.98
CA GLU A 259 15.40 1.29 -21.27
C GLU A 259 14.80 0.33 -22.31
N ILE A 260 14.02 0.88 -23.25
CA ILE A 260 13.46 0.13 -24.40
C ILE A 260 13.99 0.73 -25.72
N ASP A 261 14.84 -0.04 -26.39
CA ASP A 261 15.21 0.13 -27.82
C ASP A 261 13.96 -0.04 -28.71
N LEU A 262 13.47 1.07 -29.26
CA LEU A 262 12.35 1.11 -30.26
C LEU A 262 12.87 1.51 -31.65
N SER A 263 14.20 1.52 -31.88
CA SER A 263 14.83 2.03 -33.13
C SER A 263 14.50 1.10 -34.31
N TRP A 264 14.29 -0.19 -34.03
CA TRP A 264 13.82 -1.20 -35.02
C TRP A 264 12.46 -0.80 -35.61
N HIS A 265 11.74 0.14 -34.98
CA HIS A 265 10.39 0.58 -35.44
C HIS A 265 10.44 2.05 -35.87
N LYS A 266 10.47 2.31 -37.17
CA LYS A 266 10.47 3.68 -37.76
C LYS A 266 11.65 4.50 -37.22
N GLY A 267 12.72 3.82 -36.75
CA GLY A 267 13.91 4.46 -36.14
C GLY A 267 13.57 5.28 -34.91
N LEU A 268 12.55 4.88 -34.16
CA LEU A 268 12.11 5.55 -32.91
C LEU A 268 13.27 5.60 -31.91
N GLN A 269 13.54 6.78 -31.34
CA GLN A 269 14.73 7.02 -30.47
C GLN A 269 14.28 7.15 -29.02
N ASN A 270 14.63 6.17 -28.18
CA ASN A 270 14.07 6.01 -26.82
C ASN A 270 15.15 5.51 -25.85
N THR A 271 16.44 5.69 -26.17
CA THR A 271 17.59 5.27 -25.31
C THR A 271 18.48 6.46 -24.98
N GLY A 272 19.43 6.28 -24.06
CA GLY A 272 20.23 7.37 -23.48
C GLY A 272 19.36 8.59 -23.23
N LYS A 273 19.71 9.74 -23.82
CA LYS A 273 19.08 11.07 -23.57
C LYS A 273 17.65 11.10 -24.09
N ASN A 274 17.27 10.17 -24.98
CA ASN A 274 15.89 10.06 -25.54
C ASN A 274 15.04 9.06 -24.74
N ALA A 275 15.55 8.52 -23.62
CA ALA A 275 14.84 7.51 -22.81
C ALA A 275 13.62 8.17 -22.15
N GLU A 276 12.42 7.82 -22.62
CA GLU A 276 11.14 8.38 -22.11
C GLU A 276 10.30 7.26 -21.51
N VAL A 277 10.19 6.17 -22.26
CA VAL A 277 9.33 5.00 -21.96
C VAL A 277 10.25 3.83 -21.55
N PHE A 278 9.98 3.25 -20.38
CA PHE A 278 10.78 2.18 -19.74
C PHE A 278 9.87 1.02 -19.36
N ALA A 279 10.48 -0.16 -19.18
CA ALA A 279 9.84 -1.41 -18.74
C ALA A 279 10.25 -1.68 -17.29
N PRO A 280 9.39 -1.36 -16.31
CA PRO A 280 9.68 -1.73 -14.92
C PRO A 280 9.90 -3.25 -14.84
N GLN A 281 11.02 -3.69 -14.25
CA GLN A 281 11.35 -5.13 -14.10
C GLN A 281 10.87 -5.61 -12.72
N SER A 282 9.93 -6.56 -12.71
CA SER A 282 9.38 -7.23 -11.49
C SER A 282 10.47 -8.05 -10.79
N ASP A 283 11.23 -8.79 -11.59
CA ASP A 283 12.37 -9.63 -11.12
C ASP A 283 13.30 -9.86 -12.30
N PRO A 284 14.58 -10.18 -12.09
CA PRO A 284 15.22 -10.13 -10.78
C PRO A 284 15.43 -8.71 -10.27
N ASN A 285 16.00 -8.59 -9.06
CA ASN A 285 16.36 -7.29 -8.47
C ASN A 285 17.72 -7.39 -7.77
N GLY A 286 18.51 -6.34 -7.87
CA GLY A 286 19.62 -6.08 -6.93
C GLY A 286 19.13 -6.05 -5.51
N LEU A 287 19.95 -6.55 -4.60
CA LEU A 287 19.65 -6.45 -3.16
C LEU A 287 20.95 -6.06 -2.47
N ILE A 288 20.94 -4.92 -1.79
CA ILE A 288 22.18 -4.33 -1.20
CA ILE A 288 22.16 -4.29 -1.21
C ILE A 288 21.92 -4.13 0.29
N LYS A 289 22.82 -4.70 1.10
CA LYS A 289 22.70 -4.68 2.57
C LYS A 289 24.00 -4.12 3.13
N CYS A 290 23.89 -3.47 4.28
CA CYS A 290 25.02 -2.82 4.95
C CYS A 290 24.60 -2.57 6.37
N THR A 291 25.45 -2.93 7.33
CA THR A 291 25.34 -2.52 8.75
C THR A 291 26.46 -1.54 9.07
N VAL A 292 26.10 -0.38 9.57
CA VAL A 292 27.03 0.74 9.92
C VAL A 292 27.00 0.92 11.43
N GLY A 293 28.17 1.08 12.04
CA GLY A 293 28.32 1.35 13.49
C GLY A 293 29.32 2.46 13.70
N ARG A 294 29.78 2.65 14.94
CA ARG A 294 30.71 3.74 15.33
C ARG A 294 32.14 3.18 15.31
N SER A 295 33.11 3.97 14.81
CA SER A 295 34.56 3.61 14.78
C SER A 295 35.11 3.46 16.20
N SER B 1 -19.78 -28.11 -32.45
CA SER B 1 -19.34 -26.97 -31.57
C SER B 1 -18.88 -25.78 -32.43
N ALA B 2 -19.07 -24.55 -31.93
CA ALA B 2 -18.61 -23.30 -32.54
C ALA B 2 -18.09 -22.35 -31.45
N VAL B 3 -17.28 -21.36 -31.83
CA VAL B 3 -16.80 -20.26 -30.95
C VAL B 3 -17.95 -19.25 -30.81
N LYS B 4 -18.42 -19.02 -29.59
CA LYS B 4 -19.48 -18.02 -29.28
C LYS B 4 -18.83 -16.69 -28.92
N ALA B 5 -17.62 -16.72 -28.36
CA ALA B 5 -16.86 -15.50 -28.01
C ALA B 5 -15.37 -15.83 -27.87
N ALA B 6 -14.53 -14.88 -28.27
CA ALA B 6 -13.06 -15.01 -28.15
C ALA B 6 -12.46 -13.63 -27.93
N ARG B 7 -11.41 -13.57 -27.11
CA ARG B 7 -10.53 -12.39 -27.06
C ARG B 7 -9.16 -12.86 -26.57
N TYR B 8 -8.11 -12.21 -27.02
CA TYR B 8 -6.73 -12.62 -26.67
C TYR B 8 -5.84 -11.39 -26.75
N GLY B 9 -4.71 -11.42 -26.06
CA GLY B 9 -3.76 -10.29 -26.06
C GLY B 9 -2.72 -10.42 -24.98
N LYS B 10 -2.15 -9.30 -24.55
CA LYS B 10 -1.10 -9.31 -23.49
C LYS B 10 -1.63 -8.66 -22.23
N ASP B 11 -1.46 -9.35 -21.10
CA ASP B 11 -1.84 -8.90 -19.74
C ASP B 11 -0.56 -8.52 -18.99
N ASN B 12 -0.65 -7.63 -18.00
CA ASN B 12 0.43 -7.37 -17.01
C ASN B 12 1.65 -6.74 -17.69
N VAL B 13 1.42 -5.75 -18.52
CA VAL B 13 2.47 -4.99 -19.25
C VAL B 13 2.80 -3.74 -18.44
N ARG B 14 3.93 -3.78 -17.74
CA ARG B 14 4.39 -2.67 -16.86
C ARG B 14 4.98 -1.59 -17.77
N VAL B 15 4.47 -0.37 -17.63
CA VAL B 15 4.95 0.82 -18.38
C VAL B 15 5.26 1.96 -17.38
N TYR B 16 6.41 2.60 -17.59
CA TYR B 16 6.83 3.89 -16.96
C TYR B 16 7.10 4.90 -18.07
N LYS B 17 6.68 6.14 -17.85
CA LYS B 17 7.04 7.27 -18.74
C LYS B 17 7.38 8.49 -17.89
N VAL B 18 8.42 9.22 -18.29
CA VAL B 18 8.87 10.46 -17.62
C VAL B 18 8.73 11.62 -18.62
N HIS B 19 8.20 12.76 -18.17
CA HIS B 19 8.23 14.06 -18.88
C HIS B 19 9.31 14.92 -18.21
N LYS B 20 10.22 15.49 -19.01
CA LYS B 20 11.32 16.36 -18.54
C LYS B 20 11.13 17.74 -19.18
N ASP B 21 10.67 18.71 -18.39
CA ASP B 21 10.60 20.14 -18.79
C ASP B 21 12.02 20.68 -18.94
N GLU B 22 12.36 21.11 -20.16
CA GLU B 22 13.70 21.57 -20.56
C GLU B 22 14.04 22.89 -19.84
N LYS B 23 13.11 23.85 -19.85
N LYS B 23 13.09 23.83 -19.79
CA LYS B 23 13.23 25.17 -19.14
CA LYS B 23 13.28 25.16 -19.14
C LYS B 23 13.46 24.93 -17.64
C LYS B 23 13.44 24.99 -17.63
N THR B 24 12.48 24.34 -16.96
CA THR B 24 12.42 24.25 -15.46
C THR B 24 13.32 23.14 -14.93
N GLY B 25 13.42 22.02 -15.64
CA GLY B 25 14.13 20.80 -15.18
C GLY B 25 13.30 20.00 -14.18
N VAL B 26 12.03 20.37 -14.01
CA VAL B 26 11.00 19.55 -13.28
C VAL B 26 10.70 18.29 -14.11
N GLN B 27 10.81 17.11 -13.49
CA GLN B 27 10.46 15.83 -14.13
C GLN B 27 9.15 15.33 -13.51
N THR B 28 8.32 14.66 -14.31
CA THR B 28 7.03 14.10 -13.86
C THR B 28 6.99 12.65 -14.33
N VAL B 29 6.68 11.72 -13.42
CA VAL B 29 6.69 10.26 -13.75
C VAL B 29 5.26 9.71 -13.76
N TYR B 30 5.04 8.71 -14.60
CA TYR B 30 3.79 7.96 -14.80
C TYR B 30 4.13 6.48 -14.83
N GLU B 31 3.48 5.69 -13.97
CA GLU B 31 3.60 4.22 -14.01
C GLU B 31 2.20 3.60 -14.02
N MET B 32 2.03 2.55 -14.83
N MET B 32 2.05 2.50 -14.74
CA MET B 32 0.73 1.85 -15.06
CA MET B 32 0.77 1.81 -14.93
C MET B 32 0.99 0.39 -15.47
C MET B 32 1.04 0.35 -15.33
N THR B 33 -0.01 -0.46 -15.29
CA THR B 33 0.00 -1.85 -15.76
C THR B 33 -1.19 -2.00 -16.68
N VAL B 34 -0.90 -2.48 -17.90
CA VAL B 34 -1.83 -2.47 -19.05
C VAL B 34 -2.14 -3.91 -19.46
N CYS B 35 -3.38 -4.11 -19.90
CA CYS B 35 -3.82 -5.35 -20.57
C CYS B 35 -4.65 -4.94 -21.79
N VAL B 36 -4.32 -5.53 -22.93
CA VAL B 36 -5.06 -5.33 -24.21
C VAL B 36 -5.50 -6.71 -24.69
N LEU B 37 -6.81 -6.89 -24.89
CA LEU B 37 -7.39 -8.07 -25.59
C LEU B 37 -8.16 -7.60 -26.83
N LEU B 38 -7.97 -8.32 -27.93
CA LEU B 38 -8.60 -8.02 -29.24
C LEU B 38 -9.67 -9.07 -29.54
N GLU B 39 -10.76 -8.65 -30.18
CA GLU B 39 -11.74 -9.55 -30.85
C GLU B 39 -11.82 -9.21 -32.33
N GLY B 40 -12.45 -10.11 -33.08
CA GLY B 40 -12.65 -9.91 -34.52
C GLY B 40 -12.66 -11.24 -35.24
N GLU B 41 -12.35 -11.22 -36.54
N GLU B 41 -12.35 -11.22 -36.54
CA GLU B 41 -12.32 -12.47 -37.34
CA GLU B 41 -12.32 -12.47 -37.34
C GLU B 41 -11.10 -13.28 -36.90
C GLU B 41 -11.10 -13.28 -36.90
N ILE B 42 -11.23 -13.99 -35.78
CA ILE B 42 -10.08 -14.78 -35.24
C ILE B 42 -10.50 -16.23 -35.03
N GLU B 43 -11.80 -16.49 -35.15
CA GLU B 43 -12.41 -17.83 -34.95
CA GLU B 43 -12.39 -17.84 -34.90
C GLU B 43 -11.42 -18.92 -35.37
N THR B 44 -10.85 -18.78 -36.57
CA THR B 44 -10.09 -19.88 -37.25
C THR B 44 -8.76 -20.16 -36.56
N SER B 45 -8.21 -19.18 -35.81
CA SER B 45 -7.00 -19.35 -34.97
C SER B 45 -7.31 -20.43 -33.93
N TYR B 46 -8.57 -20.51 -33.50
CA TYR B 46 -9.05 -21.53 -32.52
C TYR B 46 -9.47 -22.82 -33.24
N THR B 47 -10.23 -22.73 -34.33
CA THR B 47 -10.94 -23.91 -34.94
C THR B 47 -10.03 -24.65 -35.93
N LYS B 48 -9.10 -23.95 -36.58
CA LYS B 48 -8.38 -24.47 -37.78
C LYS B 48 -6.87 -24.25 -37.67
N ALA B 49 -6.35 -23.80 -36.52
CA ALA B 49 -4.92 -23.51 -36.30
C ALA B 49 -4.41 -22.53 -37.38
N ASP B 50 -5.23 -21.55 -37.75
CA ASP B 50 -4.89 -20.48 -38.74
C ASP B 50 -4.33 -19.28 -37.97
N ASN B 51 -3.00 -19.25 -37.79
CA ASN B 51 -2.32 -18.20 -36.99
C ASN B 51 -2.32 -16.90 -37.79
N SER B 52 -2.67 -16.94 -39.09
CA SER B 52 -2.58 -15.78 -40.01
C SER B 52 -3.44 -14.62 -39.50
N VAL B 53 -4.43 -14.90 -38.64
CA VAL B 53 -5.39 -13.88 -38.13
C VAL B 53 -4.93 -13.36 -36.75
N ILE B 54 -3.86 -13.93 -36.18
CA ILE B 54 -3.30 -13.47 -34.88
C ILE B 54 -2.27 -12.36 -35.10
N VAL B 55 -2.58 -11.17 -34.58
CA VAL B 55 -1.60 -10.15 -34.11
C VAL B 55 -0.97 -10.69 -32.81
N ALA B 56 0.29 -11.14 -32.87
CA ALA B 56 0.93 -11.88 -31.74
C ALA B 56 0.87 -11.03 -30.46
N THR B 57 0.63 -11.68 -29.33
CA THR B 57 0.58 -11.04 -27.99
C THR B 57 1.86 -10.20 -27.84
N ASP B 58 2.99 -10.69 -28.37
CA ASP B 58 4.30 -9.99 -28.32
C ASP B 58 4.20 -8.64 -29.05
N SER B 59 3.52 -8.61 -30.20
CA SER B 59 3.36 -7.39 -31.04
C SER B 59 2.44 -6.40 -30.33
N ILE B 60 1.46 -6.92 -29.62
CA ILE B 60 0.50 -6.08 -28.85
C ILE B 60 1.30 -5.39 -27.75
N LYS B 61 2.24 -6.15 -27.17
CA LYS B 61 3.17 -5.66 -26.12
C LYS B 61 4.04 -4.55 -26.72
N ASN B 62 4.66 -4.81 -27.87
CA ASN B 62 5.50 -3.82 -28.57
C ASN B 62 4.65 -2.57 -28.83
N THR B 63 3.40 -2.75 -29.27
CA THR B 63 2.53 -1.63 -29.70
C THR B 63 2.19 -0.76 -28.49
N ILE B 64 2.06 -1.35 -27.31
CA ILE B 64 1.74 -0.62 -26.04
C ILE B 64 2.89 0.36 -25.75
N TYR B 65 4.14 -0.09 -25.86
CA TYR B 65 5.33 0.73 -25.51
C TYR B 65 5.49 1.81 -26.59
N ILE B 66 5.20 1.50 -27.86
CA ILE B 66 5.32 2.42 -29.01
C ILE B 66 4.25 3.52 -28.88
N THR B 67 3.01 3.15 -28.56
CA THR B 67 1.88 4.10 -28.40
C THR B 67 2.25 5.10 -27.30
N ALA B 68 2.84 4.60 -26.21
CA ALA B 68 3.26 5.40 -25.04
C ALA B 68 4.38 6.37 -25.43
N LYS B 69 5.28 5.95 -26.34
CA LYS B 69 6.36 6.82 -26.86
C LYS B 69 5.73 8.02 -27.61
N GLN B 70 4.65 7.77 -28.36
CA GLN B 70 4.16 8.69 -29.42
C GLN B 70 2.98 9.50 -28.91
N ASN B 71 2.46 9.18 -27.72
CA ASN B 71 1.18 9.73 -27.23
C ASN B 71 1.31 10.03 -25.76
N PRO B 72 0.43 10.88 -25.18
CA PRO B 72 0.38 11.09 -23.74
C PRO B 72 -0.25 9.89 -23.02
N VAL B 73 0.30 9.50 -21.86
CA VAL B 73 -0.13 8.30 -21.09
C VAL B 73 -1.15 8.74 -20.03
N THR B 74 -1.57 10.00 -20.08
CA THR B 74 -2.51 10.61 -19.12
C THR B 74 -3.42 11.56 -19.91
N PRO B 75 -4.70 11.70 -19.53
CA PRO B 75 -5.36 10.79 -18.59
C PRO B 75 -5.39 9.38 -19.17
N PRO B 76 -5.55 8.33 -18.34
CA PRO B 76 -5.57 6.95 -18.82
C PRO B 76 -6.80 6.61 -19.68
N GLU B 77 -7.90 7.34 -19.46
CA GLU B 77 -9.11 7.32 -20.34
C GLU B 77 -8.71 7.62 -21.79
N LEU B 78 -7.86 8.64 -21.98
CA LEU B 78 -7.33 9.01 -23.32
C LEU B 78 -6.34 7.95 -23.79
N PHE B 79 -5.32 7.65 -23.02
CA PHE B 79 -4.28 6.68 -23.45
C PHE B 79 -4.98 5.41 -23.96
N GLY B 80 -5.94 4.91 -23.17
CA GLY B 80 -6.67 3.65 -23.44
C GLY B 80 -7.50 3.72 -24.71
N SER B 81 -8.14 4.86 -24.96
CA SER B 81 -8.91 5.12 -26.20
C SER B 81 -7.99 5.13 -27.42
N ILE B 82 -6.83 5.80 -27.34
CA ILE B 82 -5.81 5.87 -28.44
C ILE B 82 -5.40 4.44 -28.78
N LEU B 83 -5.01 3.67 -27.78
CA LEU B 83 -4.44 2.30 -27.93
C LEU B 83 -5.50 1.37 -28.53
N GLY B 84 -6.71 1.41 -27.98
CA GLY B 84 -7.82 0.62 -28.52
C GLY B 84 -8.07 0.96 -29.98
N THR B 85 -8.18 2.26 -30.31
CA THR B 85 -8.52 2.75 -31.66
C THR B 85 -7.45 2.29 -32.65
N HIS B 86 -6.17 2.36 -32.25
CA HIS B 86 -5.05 1.89 -33.10
C HIS B 86 -5.39 0.51 -33.68
N PHE B 87 -5.76 -0.46 -32.84
CA PHE B 87 -5.84 -1.88 -33.24
C PHE B 87 -7.01 -2.10 -34.22
N ILE B 88 -8.16 -1.45 -33.99
CA ILE B 88 -9.38 -1.70 -34.84
C ILE B 88 -9.21 -0.98 -36.19
N GLU B 89 -8.46 0.14 -36.22
CA GLU B 89 -8.10 0.91 -37.44
C GLU B 89 -6.93 0.25 -38.18
N LYS B 90 -5.89 -0.17 -37.48
CA LYS B 90 -4.68 -0.76 -38.10
C LYS B 90 -5.07 -2.04 -38.82
N TYR B 91 -5.86 -2.89 -38.17
CA TYR B 91 -6.16 -4.27 -38.63
C TYR B 91 -7.64 -4.36 -39.04
N ASN B 92 -7.92 -4.67 -40.31
CA ASN B 92 -9.30 -4.71 -40.88
C ASN B 92 -10.14 -5.73 -40.11
N HIS B 93 -9.53 -6.87 -39.75
CA HIS B 93 -10.22 -8.07 -39.24
C HIS B 93 -10.35 -8.01 -37.70
N ILE B 94 -9.76 -7.00 -37.07
CA ILE B 94 -9.97 -6.69 -35.62
C ILE B 94 -11.08 -5.64 -35.50
N HIS B 95 -12.12 -5.94 -34.70
CA HIS B 95 -13.38 -5.16 -34.61
C HIS B 95 -13.59 -4.64 -33.18
N ALA B 96 -12.79 -5.06 -32.21
CA ALA B 96 -12.91 -4.56 -30.83
C ALA B 96 -11.58 -4.68 -30.10
N ALA B 97 -11.28 -3.69 -29.27
CA ALA B 97 -10.08 -3.64 -28.41
C ALA B 97 -10.54 -3.38 -26.98
N HIS B 98 -10.18 -4.28 -26.06
CA HIS B 98 -10.48 -4.16 -24.61
C HIS B 98 -9.19 -3.77 -23.87
N VAL B 99 -9.13 -2.55 -23.35
CA VAL B 99 -7.89 -1.99 -22.74
C VAL B 99 -8.16 -1.74 -21.27
N ASN B 100 -7.44 -2.46 -20.41
CA ASN B 100 -7.52 -2.31 -18.94
C ASN B 100 -6.20 -1.68 -18.48
N ILE B 101 -6.29 -0.63 -17.67
CA ILE B 101 -5.10 0.09 -17.14
C ILE B 101 -5.25 0.27 -15.64
N VAL B 102 -4.20 -0.09 -14.89
CA VAL B 102 -4.02 0.23 -13.45
C VAL B 102 -2.89 1.26 -13.31
N CYS B 103 -3.19 2.44 -12.81
CA CYS B 103 -2.20 3.52 -12.56
C CYS B 103 -1.73 3.45 -11.12
N HIS B 104 -0.42 3.44 -10.94
CA HIS B 104 0.29 3.36 -9.64
C HIS B 104 0.63 4.78 -9.17
N ARG B 105 0.60 5.04 -7.87
CA ARG B 105 0.81 6.42 -7.34
C ARG B 105 2.32 6.70 -7.28
N TRP B 106 2.77 7.78 -7.94
CA TRP B 106 4.08 8.44 -7.69
C TRP B 106 3.86 9.91 -7.36
N THR B 107 3.72 10.21 -6.07
CA THR B 107 3.42 11.58 -5.56
C THR B 107 4.76 12.30 -5.34
N ARG B 108 4.87 13.54 -5.82
CA ARG B 108 6.13 14.33 -5.71
C ARG B 108 6.47 14.52 -4.23
N MET B 109 7.69 14.19 -3.81
CA MET B 109 8.21 14.50 -2.45
C MET B 109 8.23 16.02 -2.20
N ASP B 110 7.78 16.44 -1.01
CA ASP B 110 8.15 17.76 -0.42
C ASP B 110 9.39 17.54 0.46
N ILE B 111 10.48 18.23 0.15
CA ILE B 111 11.73 18.22 0.96
C ILE B 111 11.94 19.63 1.53
N ASP B 112 11.86 19.78 2.86
CA ASP B 112 11.97 21.09 3.54
C ASP B 112 10.85 22.01 3.01
N GLY B 113 9.63 21.48 2.90
CA GLY B 113 8.44 22.23 2.45
C GLY B 113 8.53 22.71 1.00
N LYS B 114 9.52 22.21 0.25
N LYS B 114 9.50 22.19 0.24
CA LYS B 114 9.74 22.54 -1.18
CA LYS B 114 9.76 22.55 -1.18
C LYS B 114 9.51 21.30 -2.02
C LYS B 114 9.53 21.31 -2.06
N PRO B 115 8.58 21.35 -3.01
CA PRO B 115 8.40 20.25 -3.96
C PRO B 115 9.66 19.93 -4.76
N HIS B 116 10.13 18.69 -4.64
CA HIS B 116 11.37 18.26 -5.33
C HIS B 116 11.13 18.05 -6.83
N PRO B 117 12.09 18.46 -7.67
CA PRO B 117 11.97 18.28 -9.13
C PRO B 117 11.92 16.84 -9.69
N HIS B 118 12.49 15.86 -9.00
CA HIS B 118 12.59 14.50 -9.60
C HIS B 118 12.61 13.37 -8.56
N SER B 119 12.02 13.57 -7.39
CA SER B 119 11.92 12.48 -6.39
C SER B 119 10.44 12.21 -6.06
N PHE B 120 10.06 10.94 -5.93
CA PHE B 120 8.64 10.53 -5.76
C PHE B 120 8.53 9.43 -4.71
N ILE B 121 7.34 9.35 -4.10
CA ILE B 121 6.96 8.36 -3.06
C ILE B 121 5.64 7.69 -3.47
N ARG B 122 5.53 6.38 -3.28
CA ARG B 122 4.23 5.72 -3.38
C ARG B 122 3.50 5.91 -2.05
N ASP B 123 2.57 6.88 -2.00
CA ASP B 123 1.64 7.09 -0.87
C ASP B 123 0.38 6.22 -1.06
C ASP B 123 0.38 6.22 -1.06
N SER B 124 0.46 4.95 -0.68
CA SER B 124 -0.68 3.99 -0.67
C SER B 124 -0.72 3.19 -1.97
N GLU B 125 -1.24 1.97 -1.87
CA GLU B 125 -1.49 1.08 -3.02
C GLU B 125 -2.83 1.46 -3.68
N GLU B 126 -3.45 2.57 -3.28
CA GLU B 126 -4.62 3.15 -3.99
C GLU B 126 -4.30 3.27 -5.48
N LYS B 127 -5.17 2.68 -6.32
CA LYS B 127 -5.04 2.75 -7.79
C LYS B 127 -6.15 3.64 -8.37
N ARG B 128 -5.82 4.32 -9.47
CA ARG B 128 -6.78 4.84 -10.48
C ARG B 128 -6.75 3.91 -11.71
N ASN B 129 -7.92 3.42 -12.12
CA ASN B 129 -8.09 2.42 -13.20
C ASN B 129 -8.97 2.97 -14.32
N VAL B 130 -8.83 2.42 -15.52
CA VAL B 130 -9.81 2.60 -16.61
C VAL B 130 -10.03 1.23 -17.23
N GLN B 131 -11.24 0.99 -17.72
CA GLN B 131 -11.56 -0.07 -18.67
C GLN B 131 -12.16 0.62 -19.90
N VAL B 132 -11.50 0.46 -21.04
CA VAL B 132 -11.87 1.14 -22.31
C VAL B 132 -12.16 0.03 -23.33
N ASP B 133 -13.42 -0.06 -23.77
CA ASP B 133 -13.85 -0.99 -24.85
C ASP B 133 -14.09 -0.15 -26.09
N VAL B 134 -13.18 -0.30 -27.06
CA VAL B 134 -13.28 0.31 -28.40
C VAL B 134 -13.88 -0.72 -29.35
N VAL B 135 -15.11 -0.50 -29.81
CA VAL B 135 -15.88 -1.46 -30.67
C VAL B 135 -16.17 -0.77 -32.00
N GLU B 136 -15.55 -1.27 -33.07
CA GLU B 136 -15.75 -0.78 -34.45
C GLU B 136 -17.25 -0.62 -34.68
N GLY B 137 -17.69 0.60 -35.00
CA GLY B 137 -19.07 0.90 -35.43
C GLY B 137 -20.01 1.23 -34.28
N LYS B 138 -19.55 1.13 -33.03
CA LYS B 138 -20.42 1.32 -31.83
CA LYS B 138 -20.41 1.31 -31.82
C LYS B 138 -19.80 2.39 -30.92
N GLY B 139 -18.48 2.54 -30.98
CA GLY B 139 -17.73 3.66 -30.37
C GLY B 139 -16.88 3.17 -29.21
N ILE B 140 -16.85 3.94 -28.13
CA ILE B 140 -15.92 3.73 -27.00
C ILE B 140 -16.72 3.82 -25.70
N ASP B 141 -16.71 2.72 -24.95
CA ASP B 141 -17.31 2.62 -23.61
C ASP B 141 -16.17 2.70 -22.58
N ILE B 142 -16.16 3.75 -21.76
CA ILE B 142 -15.14 3.97 -20.70
C ILE B 142 -15.78 3.82 -19.32
N LYS B 143 -15.23 2.91 -18.51
CA LYS B 143 -15.42 2.89 -17.03
C LYS B 143 -14.13 3.37 -16.37
N SER B 144 -14.24 4.31 -15.43
CA SER B 144 -13.14 4.91 -14.64
C SER B 144 -13.33 4.50 -13.18
N SER B 145 -12.27 4.16 -12.45
CA SER B 145 -12.41 3.76 -11.02
C SER B 145 -11.22 4.23 -10.18
N LEU B 146 -11.49 4.41 -8.89
CA LEU B 146 -10.46 4.37 -7.83
C LEU B 146 -10.69 3.09 -7.03
N SER B 147 -9.61 2.41 -6.65
CA SER B 147 -9.65 1.14 -5.87
C SER B 147 -8.48 1.13 -4.87
N GLY B 148 -8.60 0.32 -3.81
CA GLY B 148 -7.59 0.23 -2.74
C GLY B 148 -7.46 1.51 -1.92
N LEU B 149 -8.51 2.32 -1.83
CA LEU B 149 -8.59 3.47 -0.86
C LEU B 149 -9.08 2.97 0.50
N THR B 150 -8.19 2.83 1.47
CA THR B 150 -8.44 2.16 2.76
C THR B 150 -8.66 3.20 3.86
N VAL B 151 -9.82 3.16 4.51
CA VAL B 151 -10.24 4.24 5.45
C VAL B 151 -10.89 3.57 6.66
N LEU B 152 -10.79 4.24 7.81
CA LEU B 152 -11.49 3.84 9.06
C LEU B 152 -12.03 5.09 9.77
N LYS B 153 -13.20 4.95 10.39
CA LYS B 153 -13.69 5.96 11.37
C LYS B 153 -14.08 5.20 12.64
N SER B 154 -13.70 5.78 13.78
CA SER B 154 -13.72 5.17 15.12
C SER B 154 -15.11 5.29 15.77
N THR B 155 -15.98 6.15 15.23
CA THR B 155 -17.34 6.44 15.76
C THR B 155 -18.19 7.06 14.64
N ASN B 156 -19.43 7.46 14.92
CA ASN B 156 -20.35 8.07 13.92
C ASN B 156 -20.59 7.05 12.79
N SER B 157 -20.71 5.79 13.19
CA SER B 157 -21.28 4.71 12.36
C SER B 157 -22.21 3.91 13.26
N GLN B 158 -23.38 3.55 12.73
CA GLN B 158 -24.42 2.79 13.46
C GLN B 158 -24.91 1.65 12.57
N PHE B 159 -25.59 0.71 13.20
CA PHE B 159 -26.37 -0.31 12.47
C PHE B 159 -27.37 -0.92 13.45
N TRP B 160 -28.60 -0.39 13.40
CA TRP B 160 -29.77 -0.93 14.15
C TRP B 160 -30.98 -0.98 13.21
N GLY B 161 -32.00 -1.76 13.58
CA GLY B 161 -33.29 -1.82 12.89
C GLY B 161 -33.29 -2.85 11.76
N PHE B 162 -32.27 -3.69 11.69
CA PHE B 162 -32.18 -4.78 10.68
C PHE B 162 -33.10 -5.93 11.09
N LEU B 163 -33.51 -6.73 10.10
CA LEU B 163 -34.42 -7.86 10.30
C LEU B 163 -33.81 -8.84 11.33
N ARG B 164 -34.67 -9.42 12.16
CA ARG B 164 -34.32 -10.34 13.28
C ARG B 164 -35.18 -11.58 13.16
N ASP B 165 -34.57 -12.76 13.14
CA ASP B 165 -35.30 -14.05 13.14
C ASP B 165 -34.41 -15.12 13.80
N GLU B 166 -34.76 -16.39 13.62
CA GLU B 166 -34.06 -17.52 14.30
C GLU B 166 -32.62 -17.65 13.76
N TYR B 167 -32.21 -16.80 12.80
CA TYR B 167 -30.86 -16.84 12.16
C TYR B 167 -30.00 -15.66 12.66
N THR B 168 -30.57 -14.76 13.47
CA THR B 168 -29.89 -13.50 13.89
C THR B 168 -29.26 -13.65 15.29
N THR B 169 -28.00 -13.23 15.43
CA THR B 169 -27.30 -13.11 16.73
C THR B 169 -26.77 -11.67 16.88
N LEU B 170 -26.65 -10.93 15.78
CA LEU B 170 -25.93 -9.64 15.76
C LEU B 170 -26.66 -8.67 16.67
N LYS B 171 -25.96 -8.05 17.62
CA LYS B 171 -26.54 -7.01 18.51
C LYS B 171 -26.62 -5.72 17.70
N GLU B 172 -27.74 -5.01 17.87
CA GLU B 172 -27.95 -3.62 17.36
C GLU B 172 -26.89 -2.74 18.02
N THR B 173 -26.40 -1.74 17.30
CA THR B 173 -25.38 -0.79 17.81
C THR B 173 -25.69 0.62 17.32
N TRP B 174 -25.42 1.59 18.18
CA TRP B 174 -25.61 3.04 17.95
C TRP B 174 -24.23 3.71 17.87
N ASP B 175 -23.15 2.92 17.99
CA ASP B 175 -21.75 3.41 17.93
C ASP B 175 -20.81 2.25 17.64
N ARG B 176 -20.15 2.31 16.48
CA ARG B 176 -19.23 1.25 15.98
C ARG B 176 -18.16 1.90 15.09
N ILE B 177 -17.07 1.14 14.92
CA ILE B 177 -16.03 1.33 13.89
C ILE B 177 -16.63 0.95 12.54
N LEU B 178 -16.36 1.77 11.52
CA LEU B 178 -16.58 1.43 10.10
C LEU B 178 -15.25 1.56 9.35
N SER B 179 -14.82 0.47 8.70
CA SER B 179 -13.58 0.43 7.89
C SER B 179 -13.87 -0.21 6.54
N THR B 180 -13.27 0.31 5.46
CA THR B 180 -13.46 -0.30 4.12
C THR B 180 -12.25 -0.01 3.22
N ASP B 181 -12.22 -0.77 2.13
CA ASP B 181 -11.40 -0.54 0.91
C ASP B 181 -12.34 -0.15 -0.22
N VAL B 182 -12.30 1.13 -0.61
CA VAL B 182 -13.24 1.71 -1.61
C VAL B 182 -12.85 1.22 -3.00
N ASP B 183 -13.79 0.54 -3.65
CA ASP B 183 -13.90 0.33 -5.12
C ASP B 183 -15.07 1.18 -5.64
N ALA B 184 -14.80 2.22 -6.44
CA ALA B 184 -15.84 3.15 -6.96
C ALA B 184 -15.63 3.33 -8.46
N THR B 185 -16.62 2.99 -9.27
CA THR B 185 -16.58 3.07 -10.75
C THR B 185 -17.63 4.08 -11.23
N TRP B 186 -17.23 4.98 -12.15
CA TRP B 186 -18.17 5.81 -12.93
C TRP B 186 -18.12 5.40 -14.41
N GLN B 187 -19.28 4.99 -14.95
CA GLN B 187 -19.51 4.62 -16.36
C GLN B 187 -19.91 5.87 -17.13
N TRP B 188 -19.06 6.28 -18.09
CA TRP B 188 -19.31 7.45 -18.97
C TRP B 188 -20.36 7.09 -20.04
N LYS B 189 -21.12 8.11 -20.47
CA LYS B 189 -21.91 8.10 -21.72
C LYS B 189 -21.02 7.49 -22.80
N ASN B 190 -21.57 6.59 -23.62
CA ASN B 190 -20.87 6.09 -24.83
C ASN B 190 -20.20 7.28 -25.55
N PHE B 191 -19.01 7.06 -26.10
CA PHE B 191 -18.35 8.04 -26.99
C PHE B 191 -18.42 7.53 -28.43
N SER B 192 -18.60 8.45 -29.38
CA SER B 192 -18.70 8.16 -30.84
C SER B 192 -17.37 7.58 -31.33
N GLY B 193 -16.26 8.02 -30.75
CA GLY B 193 -14.91 7.62 -31.16
C GLY B 193 -13.85 8.39 -30.39
N LEU B 194 -12.60 8.27 -30.85
CA LEU B 194 -11.37 8.87 -30.24
C LEU B 194 -11.53 10.40 -30.17
N GLN B 195 -11.97 11.01 -31.26
CA GLN B 195 -12.15 12.47 -31.35
C GLN B 195 -12.99 12.96 -30.16
N GLU B 196 -14.13 12.31 -29.92
CA GLU B 196 -15.07 12.74 -28.86
C GLU B 196 -14.42 12.52 -27.48
N VAL B 197 -13.67 11.43 -27.32
CA VAL B 197 -12.89 11.17 -26.06
C VAL B 197 -11.95 12.35 -25.85
N ARG B 198 -11.11 12.61 -26.85
CA ARG B 198 -10.16 13.75 -26.85
C ARG B 198 -10.88 15.03 -26.39
N SER B 199 -12.08 15.31 -26.91
CA SER B 199 -12.79 16.60 -26.72
C SER B 199 -13.22 16.76 -25.25
N HIS B 200 -13.31 15.63 -24.51
CA HIS B 200 -13.75 15.60 -23.09
C HIS B 200 -12.59 15.44 -22.10
N VAL B 201 -11.33 15.44 -22.58
CA VAL B 201 -10.13 15.04 -21.78
C VAL B 201 -10.05 15.83 -20.48
N PRO B 202 -10.46 17.11 -20.43
CA PRO B 202 -10.40 17.88 -19.18
C PRO B 202 -11.35 17.36 -18.09
N LYS B 203 -12.30 16.51 -18.45
CA LYS B 203 -13.32 16.00 -17.50
C LYS B 203 -12.78 14.82 -16.69
N PHE B 204 -11.81 14.09 -17.22
CA PHE B 204 -11.36 12.77 -16.68
C PHE B 204 -10.62 12.97 -15.35
N ASP B 205 -9.57 13.77 -15.35
CA ASP B 205 -8.83 14.10 -14.09
C ASP B 205 -9.77 14.77 -13.08
N ALA B 206 -10.59 15.74 -13.50
CA ALA B 206 -11.46 16.52 -12.59
C ALA B 206 -12.50 15.58 -11.95
N THR B 207 -13.09 14.66 -12.72
CA THR B 207 -14.16 13.76 -12.23
C THR B 207 -13.52 12.77 -11.26
N TRP B 208 -12.32 12.27 -11.59
CA TRP B 208 -11.64 11.31 -10.68
C TRP B 208 -11.38 12.01 -9.34
N ALA B 209 -10.95 13.27 -9.35
CA ALA B 209 -10.60 14.01 -8.11
C ALA B 209 -11.87 14.27 -7.30
N THR B 210 -12.97 14.67 -7.93
CA THR B 210 -14.23 14.99 -7.20
C THR B 210 -14.84 13.67 -6.73
N ALA B 211 -14.70 12.58 -7.50
CA ALA B 211 -15.05 11.22 -7.03
C ALA B 211 -14.33 10.94 -5.70
N ARG B 212 -13.04 11.26 -5.65
CA ARG B 212 -12.20 10.95 -4.47
C ARG B 212 -12.64 11.82 -3.29
N GLU B 213 -12.77 13.14 -3.51
CA GLU B 213 -13.17 14.13 -2.48
C GLU B 213 -14.54 13.72 -1.90
N VAL B 214 -15.51 13.36 -2.75
CA VAL B 214 -16.89 13.04 -2.32
C VAL B 214 -16.87 11.75 -1.47
N THR B 215 -16.11 10.75 -1.88
CA THR B 215 -15.88 9.50 -1.11
C THR B 215 -15.34 9.84 0.29
N LEU B 216 -14.25 10.61 0.35
CA LEU B 216 -13.49 10.92 1.58
C LEU B 216 -14.36 11.80 2.51
N LYS B 217 -14.93 12.89 1.98
CA LYS B 217 -15.78 13.83 2.76
C LYS B 217 -17.03 13.10 3.26
N THR B 218 -17.80 12.45 2.39
CA THR B 218 -19.09 11.83 2.78
C THR B 218 -18.82 10.80 3.87
N PHE B 219 -17.74 10.01 3.72
CA PHE B 219 -17.39 8.95 4.69
C PHE B 219 -17.07 9.63 6.03
N ALA B 220 -16.27 10.70 5.99
CA ALA B 220 -15.82 11.43 7.19
C ALA B 220 -17.02 12.00 7.96
N GLU B 221 -18.04 12.48 7.25
CA GLU B 221 -19.05 13.43 7.81
C GLU B 221 -20.40 12.72 8.03
N ASP B 222 -20.77 11.73 7.22
CA ASP B 222 -22.08 11.04 7.37
C ASP B 222 -22.07 10.26 8.68
N ASN B 223 -23.08 10.47 9.53
CA ASN B 223 -23.33 9.62 10.71
C ASN B 223 -24.06 8.38 10.20
N SER B 224 -23.30 7.38 9.78
CA SER B 224 -23.74 6.34 8.83
C SER B 224 -24.82 5.47 9.49
N ALA B 225 -25.93 5.26 8.80
CA ALA B 225 -27.03 4.37 9.21
C ALA B 225 -26.65 2.94 8.85
N SER B 226 -25.80 2.82 7.83
CA SER B 226 -25.35 1.56 7.20
C SER B 226 -24.34 1.92 6.11
N VAL B 227 -23.50 0.97 5.73
CA VAL B 227 -22.65 1.10 4.51
C VAL B 227 -23.56 1.48 3.34
N GLN B 228 -24.66 0.73 3.15
CA GLN B 228 -25.67 0.93 2.08
C GLN B 228 -26.04 2.41 1.98
N ALA B 229 -26.44 3.04 3.10
CA ALA B 229 -27.01 4.41 3.11
C ALA B 229 -25.90 5.42 2.82
N THR B 230 -24.68 5.16 3.33
CA THR B 230 -23.53 6.08 3.14
C THR B 230 -23.04 6.00 1.69
N MET B 231 -22.89 4.81 1.11
CA MET B 231 -22.39 4.66 -0.29
C MET B 231 -23.39 5.26 -1.30
N TYR B 232 -24.69 5.19 -1.04
CA TYR B 232 -25.73 5.79 -1.94
C TYR B 232 -25.57 7.32 -1.99
N LYS B 233 -25.19 7.93 -0.86
CA LYS B 233 -24.97 9.40 -0.73
C LYS B 233 -23.81 9.86 -1.60
N MET B 234 -22.72 9.09 -1.62
CA MET B 234 -21.52 9.31 -2.47
C MET B 234 -21.91 9.26 -3.96
N ALA B 235 -22.56 8.18 -4.39
CA ALA B 235 -22.97 7.95 -5.79
C ALA B 235 -23.79 9.14 -6.27
N GLU B 236 -24.80 9.55 -5.51
CA GLU B 236 -25.78 10.58 -5.96
C GLU B 236 -25.09 11.94 -6.01
N GLN B 237 -24.06 12.18 -5.18
CA GLN B 237 -23.27 13.44 -5.22
C GLN B 237 -22.46 13.48 -6.53
N ILE B 238 -21.80 12.37 -6.88
CA ILE B 238 -20.90 12.30 -8.07
C ILE B 238 -21.73 12.48 -9.33
N LEU B 239 -22.85 11.77 -9.44
CA LEU B 239 -23.84 11.93 -10.53
C LEU B 239 -24.24 13.40 -10.69
N ALA B 240 -24.56 14.07 -9.57
CA ALA B 240 -25.08 15.45 -9.59
C ALA B 240 -24.00 16.37 -10.17
N ARG B 241 -22.73 15.96 -10.06
CA ARG B 241 -21.56 16.85 -10.32
C ARG B 241 -20.91 16.53 -11.67
N GLN B 242 -21.36 15.51 -12.40
CA GLN B 242 -20.80 15.21 -13.76
C GLN B 242 -21.89 14.57 -14.63
N GLN B 243 -22.43 15.35 -15.56
CA GLN B 243 -23.61 15.02 -16.41
C GLN B 243 -23.21 13.97 -17.48
N LEU B 244 -21.94 13.85 -17.82
CA LEU B 244 -21.48 12.85 -18.82
C LEU B 244 -21.36 11.45 -18.20
N ILE B 245 -21.48 11.30 -16.88
CA ILE B 245 -21.55 9.97 -16.20
C ILE B 245 -22.98 9.43 -16.33
N GLU B 246 -23.14 8.16 -16.68
CA GLU B 246 -24.46 7.49 -16.77
C GLU B 246 -24.78 6.75 -15.46
N THR B 247 -23.78 6.08 -14.87
CA THR B 247 -23.96 5.27 -13.63
C THR B 247 -22.72 5.41 -12.72
N VAL B 248 -22.94 5.34 -11.42
CA VAL B 248 -21.85 5.17 -10.42
C VAL B 248 -22.08 3.86 -9.66
N GLU B 249 -20.99 3.16 -9.38
CA GLU B 249 -21.01 1.82 -8.74
C GLU B 249 -19.98 1.81 -7.61
N TYR B 250 -20.43 1.64 -6.38
CA TYR B 250 -19.56 1.33 -5.22
C TYR B 250 -19.56 -0.17 -4.98
N SER B 251 -18.39 -0.71 -4.64
CA SER B 251 -18.22 -2.08 -4.08
C SER B 251 -17.37 -1.96 -2.82
N LEU B 252 -17.98 -2.17 -1.65
CA LEU B 252 -17.36 -1.84 -0.34
C LEU B 252 -17.43 -3.03 0.59
N PRO B 253 -16.28 -3.55 1.06
CA PRO B 253 -16.29 -4.50 2.17
C PRO B 253 -16.48 -3.81 3.52
N ASN B 254 -17.18 -4.49 4.43
CA ASN B 254 -17.27 -4.08 5.85
C ASN B 254 -16.22 -4.87 6.61
N LYS B 255 -15.07 -4.23 6.86
CA LYS B 255 -13.90 -4.85 7.52
C LYS B 255 -14.11 -4.75 9.03
N HIS B 256 -14.68 -5.80 9.61
CA HIS B 256 -15.24 -5.80 10.98
C HIS B 256 -14.10 -5.60 11.99
N TYR B 257 -14.37 -4.80 13.03
CA TYR B 257 -13.55 -4.65 14.25
C TYR B 257 -14.39 -5.12 15.44
N PHE B 258 -14.11 -6.31 15.96
CA PHE B 258 -14.93 -6.98 17.00
C PHE B 258 -14.53 -6.42 18.37
N GLU B 259 -15.52 -6.09 19.19
CA GLU B 259 -15.33 -5.77 20.62
C GLU B 259 -14.74 -7.01 21.29
N ILE B 260 -13.89 -6.81 22.30
CA ILE B 260 -13.39 -7.93 23.14
C ILE B 260 -13.91 -7.75 24.57
N ASP B 261 -14.70 -8.74 25.01
CA ASP B 261 -15.14 -8.95 26.41
C ASP B 261 -13.94 -9.43 27.26
N LEU B 262 -13.48 -8.61 28.19
CA LEU B 262 -12.35 -8.92 29.11
C LEU B 262 -12.84 -9.04 30.57
N SER B 263 -14.16 -9.06 30.79
CA SER B 263 -14.77 -9.00 32.14
C SER B 263 -14.47 -10.30 32.90
N TRP B 264 -14.17 -11.38 32.16
CA TRP B 264 -13.71 -12.67 32.74
C TRP B 264 -12.36 -12.49 33.46
N HIS B 265 -11.65 -11.40 33.19
CA HIS B 265 -10.28 -11.14 33.72
C HIS B 265 -10.32 -9.90 34.64
N LYS B 266 -10.27 -10.13 35.95
CA LYS B 266 -10.19 -9.06 36.99
C LYS B 266 -11.29 -8.03 36.73
N GLY B 267 -12.43 -8.49 36.20
CA GLY B 267 -13.65 -7.70 35.94
C GLY B 267 -13.39 -6.55 34.97
N LEU B 268 -12.40 -6.70 34.09
CA LEU B 268 -11.98 -5.66 33.13
C LEU B 268 -13.15 -5.31 32.19
N GLN B 269 -13.33 -4.01 31.90
CA GLN B 269 -14.51 -3.45 31.20
C GLN B 269 -14.10 -2.82 29.86
N ASN B 270 -14.50 -3.45 28.75
CA ASN B 270 -13.96 -3.20 27.39
C ASN B 270 -15.07 -3.44 26.36
N THR B 271 -16.33 -3.15 26.72
CA THR B 271 -17.50 -3.29 25.83
C THR B 271 -18.39 -2.04 25.95
N GLY B 272 -19.29 -1.88 24.97
CA GLY B 272 -20.14 -0.69 24.78
C GLY B 272 -19.30 0.57 24.87
N LYS B 273 -19.54 1.38 25.90
CA LYS B 273 -18.93 2.70 26.08
CA LYS B 273 -18.94 2.71 26.09
C LYS B 273 -17.48 2.54 26.56
N ASN B 274 -17.17 1.38 27.15
CA ASN B 274 -15.82 1.11 27.69
C ASN B 274 -14.92 0.54 26.58
N ALA B 275 -15.47 0.25 25.40
CA ALA B 275 -14.77 -0.50 24.32
C ALA B 275 -13.54 0.30 23.86
N GLU B 276 -12.33 -0.23 24.11
CA GLU B 276 -11.04 0.47 23.86
C GLU B 276 -10.20 -0.35 22.90
N VAL B 277 -9.98 -1.63 23.24
CA VAL B 277 -9.15 -2.57 22.45
C VAL B 277 -10.09 -3.47 21.64
N PHE B 278 -9.88 -3.53 20.33
CA PHE B 278 -10.68 -4.39 19.42
C PHE B 278 -9.77 -5.39 18.71
N ALA B 279 -10.39 -6.46 18.21
CA ALA B 279 -9.78 -7.49 17.35
C ALA B 279 -10.25 -7.26 15.92
N PRO B 280 -9.38 -6.71 15.04
CA PRO B 280 -9.75 -6.55 13.64
C PRO B 280 -9.94 -7.94 13.01
N GLN B 281 -10.97 -8.11 12.20
CA GLN B 281 -11.30 -9.43 11.61
C GLN B 281 -10.84 -9.44 10.15
N SER B 282 -9.93 -10.34 9.80
CA SER B 282 -9.40 -10.50 8.42
C SER B 282 -10.52 -11.05 7.52
N ASP B 283 -11.31 -11.99 8.05
CA ASP B 283 -12.42 -12.66 7.34
C ASP B 283 -13.35 -13.24 8.42
N PRO B 284 -14.65 -13.49 8.12
CA PRO B 284 -15.28 -13.02 6.89
C PRO B 284 -15.51 -11.49 6.89
N ASN B 285 -16.05 -10.97 5.81
CA ASN B 285 -16.36 -9.52 5.69
C ASN B 285 -17.68 -9.35 4.93
N GLY B 286 -18.50 -8.45 5.45
CA GLY B 286 -19.60 -7.86 4.69
C GLY B 286 -19.10 -7.37 3.35
N LEU B 287 -19.88 -7.63 2.31
CA LEU B 287 -19.63 -7.06 0.97
C LEU B 287 -20.93 -6.41 0.49
N ILE B 288 -20.85 -5.11 0.19
CA ILE B 288 -22.05 -4.28 -0.12
CA ILE B 288 -22.04 -4.25 -0.10
C ILE B 288 -21.85 -3.58 -1.47
N LYS B 289 -22.74 -3.86 -2.43
CA LYS B 289 -22.67 -3.31 -3.80
C LYS B 289 -23.94 -2.52 -4.09
N CYS B 290 -23.79 -1.46 -4.89
CA CYS B 290 -24.88 -0.58 -5.37
C CYS B 290 -24.44 0.05 -6.69
N THR B 291 -25.25 -0.10 -7.74
CA THR B 291 -25.19 0.72 -8.98
C THR B 291 -26.31 1.76 -8.95
N VAL B 292 -25.94 3.03 -9.00
CA VAL B 292 -26.88 4.18 -9.00
C VAL B 292 -26.84 4.83 -10.39
N GLY B 293 -28.02 5.17 -10.93
CA GLY B 293 -28.19 5.92 -12.18
C GLY B 293 -29.13 7.11 -12.03
N ARG B 294 -29.63 7.63 -13.15
CA ARG B 294 -30.57 8.78 -13.21
C ARG B 294 -32.01 8.24 -13.31
N SER B 295 -32.97 8.85 -12.60
CA SER B 295 -34.39 8.40 -12.52
C SER B 295 -35.18 8.91 -13.75
NA NA C . 10.76 -15.86 34.59
C ACE D . 20.48 -38.07 21.15
O ACE D . 21.37 -37.33 20.89
CH3 ACE D . 20.73 -39.50 21.57
N1 AZA E . 24.65 -1.21 -7.21
C2 AZA E . 23.87 -0.33 -7.93
O2 AZA E . 23.43 0.71 -7.46
N3 AZA E . 23.45 -0.73 -9.16
C4 AZA E . 23.90 -1.87 -9.72
C5 AZA E . 24.73 -2.71 -9.03
C6 AZA E . 25.15 -2.43 -7.71
O6 AZA E . 25.89 -3.12 -7.00
N7 AZA E . 24.99 -3.79 -9.84
N8 AZA E . 24.38 -3.62 -10.97
N9 AZA E . 23.73 -2.44 -10.94
N1 AZA F . 18.93 -2.72 -19.67
C2 AZA F . 18.70 -3.74 -20.56
O2 AZA F . 18.09 -3.55 -21.61
N3 AZA F . 19.17 -4.99 -20.27
C4 AZA F . 19.84 -5.22 -19.12
C5 AZA F . 20.06 -4.20 -18.22
C6 AZA F . 19.61 -2.87 -18.46
O6 AZA F . 19.77 -1.90 -17.71
N7 AZA F . 20.76 -4.72 -17.15
N8 AZA F . 20.95 -6.00 -17.39
N9 AZA F . 20.40 -6.32 -18.57
AR AR G . 19.36 4.37 -2.11
AR AR G . 16.11 5.04 -0.05
AR AR H . -3.12 -1.17 18.94
NA NA I . -10.90 -3.26 -37.82
C ACE J . -20.96 -28.72 -32.25
O ACE J . -21.75 -28.38 -31.42
CH3 ACE J . -21.27 -29.89 -33.16
N1 AZA K . -24.74 -3.23 6.51
C2 AZA K . -23.92 -2.66 7.48
O2 AZA K . -23.52 -1.51 7.38
N3 AZA K . -23.54 -3.43 8.54
C4 AZA K . -23.98 -4.71 8.65
C5 AZA K . -24.80 -5.28 7.68
C6 AZA K . -25.25 -4.53 6.56
O6 AZA K . -25.94 -4.95 5.62
N7 AZA K . -25.06 -6.57 8.07
N8 AZA K . -24.45 -6.79 9.20
N9 AZA K . -23.76 -5.69 9.56
N1 AZA L . -18.41 -8.31 17.39
C2 AZA L . -18.15 -9.50 18.04
O2 AZA L . -17.38 -9.55 18.99
N3 AZA L . -18.79 -10.63 17.62
C4 AZA L . -19.65 -10.58 16.57
C5 AZA L . -19.91 -9.40 15.92
C6 AZA L . -19.29 -8.18 16.31
O6 AZA L . -19.45 -7.06 15.79
N7 AZA L . -20.81 -9.66 14.92
N8 AZA L . -21.10 -10.93 14.95
N9 AZA L . -20.40 -11.51 15.95
AR AR M . -19.23 3.71 3.59
AR AR M . -16.08 4.91 1.89
AR AR N . 3.11 5.19 -18.03
#